data_5L21
#
_entry.id   5L21
#
_cell.length_a   50.100
_cell.length_b   103.720
_cell.length_c   64.700
_cell.angle_alpha   90.00
_cell.angle_beta   93.77
_cell.angle_gamma   90.00
#
_symmetry.space_group_name_H-M   'P 1 21 1'
#
loop_
_entity.id
_entity.type
_entity.pdbx_description
1 polymer 'Botulinum neurotoxin type A'
2 polymer VHH-C2
3 water water
#
loop_
_entity_poly.entity_id
_entity_poly.type
_entity_poly.pdbx_seq_one_letter_code
_entity_poly.pdbx_strand_id
1 'polypeptide(L)'
;GPMNIINTSILNLRYESNHLIDLSRYASKINIGSKVNFDPIDKNQIQLFNLESSKIEVILKNAIVYNSMYENFSTSFWIR
IPKYFNSISLNNEYTIINCMENNSGWKVSLNYGEIIWTLQDTQEIKQRVVFKYSQMINISDYINRWIFVTITNNRLNNSK
IYINGRLIDQKPISNLGNIHASNNIMFKLDGCRDTHRYIWIKYFNLFDKELNEKEIKDLYDNQSNSGILKDFWGDYLQYD
KPYYMLNLYDPNKYVDVNNVGIRGYMYLKGPRGSVMTTNIYLNSSLYRGAKFIIKKYASGNKDNIVRNNDRVYINVVVKN
KEYRLATNASQAGVEKILSALEIPDVGNLSQVVVMKSKNDQGITNKCKMNLQDNNGNDIGFIGFHQFNNIAKLVASNWYN
RQIERSSRTLGCSWEFIPVDDGWGERPL
;
A
2 'polypeptide(L)'
;QVQLVESGGGLAQPGGSLRLSCEASGFGTWFRFDENTVNWYRQPPGKSREFDELVARYPKSGIVTYLDSVKGRFTISRDN
AKKMAFLQMDNLKPEDTAVYYCNVGEFWGQGTQVTISSE
;
B
#
# COMPACT_ATOMS: atom_id res chain seq x y z
N GLY A 1 -4.42 4.32 24.53
CA GLY A 1 -4.96 5.23 23.55
C GLY A 1 -3.93 6.22 23.05
N PRO A 2 -4.40 7.33 22.45
CA PRO A 2 -3.51 8.38 21.93
C PRO A 2 -2.66 9.02 23.02
N MET A 3 -1.46 9.46 22.66
CA MET A 3 -0.55 10.10 23.60
C MET A 3 -1.13 11.43 24.05
N ASN A 4 -0.63 11.94 25.18
CA ASN A 4 -1.03 13.24 25.67
C ASN A 4 -0.72 14.35 24.67
N ILE A 5 0.44 14.27 24.03
CA ILE A 5 0.83 15.29 23.07
C ILE A 5 -0.07 15.29 21.85
N ILE A 6 -0.74 14.17 21.60
CA ILE A 6 -1.76 14.12 20.57
C ILE A 6 -3.05 14.74 21.08
N ASN A 7 -3.43 14.38 22.30
CA ASN A 7 -4.66 14.90 22.88
C ASN A 7 -4.64 16.42 23.04
N THR A 8 -3.45 16.98 23.25
CA THR A 8 -3.28 18.43 23.36
C THR A 8 -2.73 19.09 22.09
N SER A 9 -2.58 18.32 21.01
CA SER A 9 -2.12 18.89 19.74
C SER A 9 -3.11 19.95 19.29
N ILE A 10 -2.68 20.88 18.44
CA ILE A 10 -3.56 22.00 18.08
C ILE A 10 -4.46 21.70 16.89
N LEU A 11 -4.19 20.61 16.19
CA LEU A 11 -5.09 20.10 15.17
C LEU A 11 -4.91 18.60 15.18
N ASN A 12 -6.01 17.87 15.34
CA ASN A 12 -5.97 16.43 15.56
C ASN A 12 -7.08 15.82 14.73
N LEU A 13 -6.77 15.56 13.46
CA LEU A 13 -7.78 15.19 12.50
C LEU A 13 -8.01 13.68 12.60
N ARG A 14 -9.21 13.29 13.04
CA ARG A 14 -9.52 11.87 13.21
C ARG A 14 -10.95 11.55 12.83
N TYR A 15 -11.19 10.29 12.52
CA TYR A 15 -12.54 9.81 12.32
C TYR A 15 -13.18 9.49 13.66
N GLU A 16 -14.29 10.17 13.97
CA GLU A 16 -15.00 9.95 15.21
C GLU A 16 -16.49 9.77 14.97
N SER A 17 -17.10 8.75 15.54
CA SER A 17 -18.55 8.59 15.39
C SER A 17 -19.09 8.95 14.00
N ASN A 18 -18.54 8.36 12.95
CA ASN A 18 -19.11 8.49 11.60
C ASN A 18 -18.76 9.75 10.80
N HIS A 19 -17.88 10.59 11.32
CA HIS A 19 -17.36 11.72 10.56
C HIS A 19 -15.91 12.03 10.86
N LEU A 20 -15.24 12.64 9.90
CA LEU A 20 -13.88 13.14 10.08
C LEU A 20 -13.95 14.56 10.66
N ILE A 21 -13.42 14.74 11.86
CA ILE A 21 -13.43 16.05 12.51
C ILE A 21 -12.10 16.32 13.21
N ASP A 22 -11.97 17.52 13.75
CA ASP A 22 -10.81 17.87 14.56
C ASP A 22 -11.14 17.56 16.02
N LEU A 23 -10.28 16.76 16.65
CA LEU A 23 -10.47 16.39 18.05
C LEU A 23 -9.83 17.37 19.01
N SER A 24 -9.12 18.37 18.49
CA SER A 24 -8.39 19.30 19.36
C SER A 24 -9.32 20.20 20.14
N ARG A 25 -8.76 20.90 21.11
CA ARG A 25 -9.51 21.88 21.90
C ARG A 25 -10.06 23.00 21.03
N TYR A 26 -9.48 23.19 19.85
CA TYR A 26 -9.89 24.29 18.98
C TYR A 26 -11.08 23.93 18.08
N ALA A 27 -11.27 22.64 17.84
CA ALA A 27 -12.40 22.15 17.05
C ALA A 27 -12.55 22.94 15.74
N SER A 28 -11.46 23.01 14.97
CA SER A 28 -11.49 23.68 13.69
C SER A 28 -12.43 22.93 12.73
N LYS A 29 -13.14 23.70 11.91
CA LYS A 29 -14.11 23.17 10.97
C LYS A 29 -13.42 22.44 9.81
N ILE A 30 -14.00 21.31 9.40
CA ILE A 30 -13.47 20.51 8.30
C ILE A 30 -14.51 20.42 7.18
N ASN A 31 -14.10 20.79 5.98
CA ASN A 31 -14.97 20.68 4.81
C ASN A 31 -14.46 19.57 3.91
N ILE A 32 -15.28 18.56 3.66
CA ILE A 32 -14.86 17.40 2.87
C ILE A 32 -15.54 17.35 1.51
N GLY A 33 -14.75 17.28 0.44
CA GLY A 33 -15.30 17.22 -0.90
C GLY A 33 -15.97 15.88 -1.20
N SER A 34 -16.60 15.80 -2.36
CA SER A 34 -17.43 14.65 -2.72
C SER A 34 -16.69 13.44 -3.29
N LYS A 35 -15.40 13.58 -3.56
CA LYS A 35 -14.64 12.46 -4.11
C LYS A 35 -13.48 12.05 -3.21
N VAL A 36 -13.75 12.07 -1.90
CA VAL A 36 -12.79 11.59 -0.91
C VAL A 36 -13.20 10.20 -0.49
N ASN A 37 -12.26 9.26 -0.51
CA ASN A 37 -12.56 7.89 -0.12
C ASN A 37 -12.05 7.57 1.28
N PHE A 38 -12.92 7.04 2.13
CA PHE A 38 -12.52 6.60 3.46
C PHE A 38 -12.53 5.08 3.48
N ASP A 39 -11.39 4.48 3.81
CA ASP A 39 -11.24 3.03 3.83
C ASP A 39 -12.29 2.40 4.76
N PRO A 40 -13.16 1.53 4.23
CA PRO A 40 -14.20 0.92 5.08
C PRO A 40 -13.69 0.13 6.29
N ILE A 41 -12.48 -0.42 6.20
CA ILE A 41 -11.92 -1.24 7.27
C ILE A 41 -11.31 -0.35 8.36
N ASP A 42 -10.87 0.83 7.95
CA ASP A 42 -10.18 1.76 8.85
C ASP A 42 -10.41 3.18 8.31
N LYS A 43 -11.49 3.79 8.76
CA LYS A 43 -11.97 5.06 8.21
C LYS A 43 -11.06 6.27 8.48
N ASN A 44 -10.06 6.09 9.33
CA ASN A 44 -9.00 7.09 9.46
C ASN A 44 -8.11 7.15 8.22
N GLN A 45 -8.18 6.11 7.40
CA GLN A 45 -7.39 6.09 6.17
C GLN A 45 -8.15 6.79 5.05
N ILE A 46 -7.56 7.89 4.59
CA ILE A 46 -8.21 8.81 3.66
C ILE A 46 -7.49 8.77 2.31
N GLN A 47 -8.25 8.58 1.23
CA GLN A 47 -7.67 8.54 -0.11
C GLN A 47 -8.04 9.81 -0.88
N LEU A 48 -7.03 10.52 -1.39
CA LEU A 48 -7.23 11.76 -2.15
C LEU A 48 -6.71 11.60 -3.57
N PHE A 49 -7.56 11.94 -4.54
CA PHE A 49 -7.31 11.68 -5.96
C PHE A 49 -6.93 12.96 -6.71
N ASN A 50 -6.48 12.82 -7.95
CA ASN A 50 -6.25 13.99 -8.79
C ASN A 50 -7.56 14.44 -9.44
N LEU A 51 -8.51 14.83 -8.59
CA LEU A 51 -9.83 15.30 -9.03
C LEU A 51 -10.17 16.53 -8.20
N GLU A 52 -10.87 17.49 -8.80
CA GLU A 52 -11.12 18.77 -8.13
C GLU A 52 -11.90 18.62 -6.83
N SER A 53 -12.84 17.68 -6.79
CA SER A 53 -13.66 17.53 -5.59
C SER A 53 -13.07 16.53 -4.58
N SER A 54 -11.87 16.04 -4.84
CA SER A 54 -11.18 15.18 -3.89
C SER A 54 -10.29 16.05 -3.02
N LYS A 55 -10.85 16.61 -1.95
CA LYS A 55 -10.11 17.54 -1.14
C LYS A 55 -10.69 17.59 0.26
N ILE A 56 -9.86 17.96 1.22
CA ILE A 56 -10.31 18.27 2.57
C ILE A 56 -9.74 19.61 2.96
N GLU A 57 -10.58 20.52 3.41
CA GLU A 57 -10.12 21.84 3.79
C GLU A 57 -10.34 22.06 5.28
N VAL A 58 -9.26 22.45 5.97
CA VAL A 58 -9.36 22.81 7.38
C VAL A 58 -9.45 24.32 7.52
N ILE A 59 -10.52 24.79 8.15
CA ILE A 59 -10.66 26.21 8.47
C ILE A 59 -10.10 26.44 9.86
N LEU A 60 -8.89 26.95 9.94
CA LEU A 60 -8.21 27.10 11.22
C LEU A 60 -8.90 28.15 12.07
N LYS A 61 -9.04 27.86 13.36
CA LYS A 61 -9.48 28.89 14.30
C LYS A 61 -8.42 29.97 14.34
N ASN A 62 -8.86 31.23 14.47
CA ASN A 62 -7.94 32.37 14.43
C ASN A 62 -6.76 32.24 15.39
N ALA A 63 -7.02 31.70 16.57
CA ALA A 63 -6.01 31.58 17.62
C ALA A 63 -4.77 30.79 17.20
N ILE A 64 -4.94 29.85 16.28
CA ILE A 64 -3.83 28.99 15.86
C ILE A 64 -3.35 29.23 14.42
N VAL A 65 -3.80 30.31 13.80
CA VAL A 65 -3.26 30.70 12.50
C VAL A 65 -1.83 31.15 12.74
N TYR A 66 -0.88 30.56 12.03
CA TYR A 66 0.54 30.82 12.28
C TYR A 66 0.93 32.20 11.76
N ASN A 67 1.41 33.03 12.66
CA ASN A 67 1.92 34.35 12.30
C ASN A 67 2.96 34.75 13.33
N SER A 68 4.22 34.40 13.06
CA SER A 68 5.25 34.55 14.08
C SER A 68 6.68 34.52 13.51
N MET A 69 7.61 35.07 14.27
CA MET A 69 9.02 35.00 13.93
C MET A 69 9.69 33.93 14.79
N TYR A 70 9.00 33.49 15.83
CA TYR A 70 9.65 32.73 16.90
C TYR A 70 8.98 31.41 17.30
N GLU A 71 7.69 31.28 17.02
CA GLU A 71 6.96 30.10 17.48
C GLU A 71 7.36 28.84 16.74
N ASN A 72 7.88 27.86 17.49
CA ASN A 72 8.21 26.57 16.92
C ASN A 72 6.95 25.78 16.64
N PHE A 73 6.99 24.91 15.64
CA PHE A 73 5.82 24.09 15.34
C PHE A 73 6.22 22.84 14.58
N SER A 74 5.36 21.84 14.63
CA SER A 74 5.63 20.57 13.98
C SER A 74 4.37 20.00 13.35
N THR A 75 4.55 19.08 12.42
CA THR A 75 3.43 18.32 11.88
C THR A 75 3.80 16.86 11.81
N SER A 76 2.83 15.99 12.03
CA SER A 76 3.02 14.56 11.80
C SER A 76 1.82 13.98 11.06
N PHE A 77 2.07 12.94 10.27
CA PHE A 77 1.01 12.23 9.58
C PHE A 77 1.63 10.98 8.96
N TRP A 78 0.78 10.03 8.62
CA TRP A 78 1.23 8.87 7.84
C TRP A 78 0.74 9.03 6.40
N ILE A 79 1.54 8.53 5.46
CA ILE A 79 1.17 8.67 4.05
C ILE A 79 1.52 7.39 3.33
N ARG A 80 0.73 7.05 2.31
CA ARG A 80 1.04 5.88 1.49
C ARG A 80 0.98 6.33 0.03
N ILE A 81 2.12 6.26 -0.65
CA ILE A 81 2.27 6.88 -1.95
C ILE A 81 2.45 5.81 -3.00
N PRO A 82 1.49 5.69 -3.94
CA PRO A 82 1.56 4.65 -4.96
C PRO A 82 2.83 4.75 -5.79
N LYS A 83 3.30 3.63 -6.29
CA LYS A 83 4.49 3.64 -7.15
C LYS A 83 4.26 4.57 -8.36
N TYR A 84 5.27 5.37 -8.68
CA TYR A 84 5.23 6.19 -9.88
C TYR A 84 5.46 5.27 -11.09
N PHE A 85 4.65 5.43 -12.12
CA PHE A 85 4.77 4.51 -13.25
C PHE A 85 4.75 5.18 -14.62
N ASN A 86 4.49 6.47 -14.64
CA ASN A 86 4.42 7.24 -15.88
C ASN A 86 5.55 8.27 -15.92
N SER A 87 6.19 8.41 -17.08
CA SER A 87 7.31 9.36 -17.21
C SER A 87 6.84 10.80 -16.97
N ILE A 88 5.54 11.03 -17.07
CA ILE A 88 4.95 12.34 -16.81
C ILE A 88 5.14 12.79 -15.35
N SER A 89 5.44 11.83 -14.48
CA SER A 89 5.68 12.12 -13.07
C SER A 89 7.14 12.46 -12.73
N LEU A 90 8.05 12.36 -13.68
CA LEU A 90 9.48 12.45 -13.36
C LEU A 90 9.99 13.78 -12.77
N ASN A 91 9.42 14.88 -13.25
CA ASN A 91 9.89 16.22 -12.94
C ASN A 91 8.63 17.04 -12.71
N ASN A 92 7.86 16.61 -11.72
CA ASN A 92 6.53 17.17 -11.47
C ASN A 92 6.26 17.29 -9.99
N GLU A 93 6.65 18.41 -9.39
CA GLU A 93 6.38 18.62 -7.97
C GLU A 93 4.93 19.08 -7.80
N TYR A 94 4.18 18.37 -6.98
CA TYR A 94 2.78 18.73 -6.75
C TYR A 94 2.51 18.85 -5.25
N THR A 95 1.78 19.90 -4.88
CA THR A 95 1.44 20.12 -3.48
C THR A 95 0.40 19.10 -3.05
N ILE A 96 0.49 18.64 -1.79
CA ILE A 96 -0.56 17.77 -1.25
C ILE A 96 -1.20 18.34 0.02
N ILE A 97 -0.42 19.06 0.82
CA ILE A 97 -0.95 19.72 2.02
C ILE A 97 -0.51 21.17 2.00
N ASN A 98 -1.48 22.07 1.79
CA ASN A 98 -1.17 23.47 1.51
C ASN A 98 -1.59 24.44 2.61
N CYS A 99 -0.62 25.12 3.21
CA CYS A 99 -0.89 26.23 4.13
C CYS A 99 -0.02 27.42 3.74
N MET A 100 0.16 27.59 2.42
CA MET A 100 1.01 28.64 1.88
C MET A 100 0.12 29.59 1.08
N GLU A 101 0.08 30.86 1.48
CA GLU A 101 -0.80 31.81 0.82
C GLU A 101 -0.15 33.18 0.81
N ASN A 102 -0.35 33.93 -0.25
CA ASN A 102 0.22 35.26 -0.40
C ASN A 102 1.71 35.32 -0.05
N ASN A 103 2.44 34.31 -0.51
CA ASN A 103 3.90 34.21 -0.41
C ASN A 103 4.52 33.85 0.95
N SER A 104 3.71 33.37 1.88
CA SER A 104 4.24 32.94 3.17
C SER A 104 3.48 31.74 3.71
N GLY A 105 4.13 30.97 4.59
CA GLY A 105 3.50 29.81 5.18
C GLY A 105 4.29 28.54 4.95
N TRP A 106 3.59 27.42 4.88
CA TRP A 106 4.23 26.13 4.71
C TRP A 106 3.40 25.22 3.83
N LYS A 107 4.04 24.21 3.26
CA LYS A 107 3.32 23.20 2.50
C LYS A 107 4.10 21.90 2.47
N VAL A 108 3.37 20.81 2.27
CA VAL A 108 3.98 19.53 1.95
C VAL A 108 3.68 19.25 0.49
N SER A 109 4.72 18.86 -0.25
CA SER A 109 4.53 18.50 -1.66
C SER A 109 5.23 17.17 -1.93
N LEU A 110 4.92 16.58 -3.08
CA LEU A 110 5.56 15.33 -3.49
C LEU A 110 6.17 15.53 -4.88
N ASN A 111 7.11 14.66 -5.23
CA ASN A 111 7.61 14.58 -6.58
C ASN A 111 8.05 13.13 -6.74
N TYR A 112 8.47 12.76 -7.95
CA TYR A 112 8.99 11.41 -8.16
C TYR A 112 10.01 11.04 -7.10
N GLY A 113 9.69 10.02 -6.31
CA GLY A 113 10.57 9.57 -5.24
C GLY A 113 10.89 10.60 -4.17
N GLU A 114 9.99 11.54 -3.91
CA GLU A 114 10.30 12.62 -2.96
C GLU A 114 9.11 13.03 -2.10
N ILE A 115 9.41 13.36 -0.83
CA ILE A 115 8.49 14.10 0.03
C ILE A 115 9.19 15.40 0.42
N ILE A 116 8.51 16.52 0.23
CA ILE A 116 9.14 17.84 0.37
C ILE A 116 8.40 18.74 1.34
N TRP A 117 9.16 19.38 2.23
CA TRP A 117 8.64 20.41 3.14
C TRP A 117 9.15 21.75 2.67
N THR A 118 8.24 22.71 2.51
CA THR A 118 8.64 24.05 2.11
C THR A 118 8.13 25.06 3.15
N LEU A 119 9.02 25.96 3.57
CA LEU A 119 8.71 26.98 4.57
C LEU A 119 9.19 28.33 4.01
N GLN A 120 8.35 29.36 4.11
CA GLN A 120 8.67 30.65 3.50
C GLN A 120 8.18 31.83 4.34
N ASP A 121 9.03 32.85 4.50
CA ASP A 121 8.64 34.03 5.26
C ASP A 121 7.99 35.11 4.40
N THR A 122 7.62 36.22 5.02
CA THR A 122 6.95 37.30 4.31
C THR A 122 7.89 38.09 3.40
N GLN A 123 9.20 37.86 3.54
CA GLN A 123 10.17 38.47 2.63
C GLN A 123 10.53 37.49 1.52
N GLU A 124 9.83 36.35 1.51
CA GLU A 124 10.01 35.29 0.52
C GLU A 124 11.36 34.59 0.63
N ILE A 125 11.95 34.63 1.83
CA ILE A 125 13.10 33.80 2.12
C ILE A 125 12.57 32.38 2.35
N LYS A 126 13.13 31.41 1.63
CA LYS A 126 12.54 30.08 1.56
C LYS A 126 13.53 29.00 1.99
N GLN A 127 13.02 27.94 2.61
CA GLN A 127 13.82 26.76 2.86
C GLN A 127 13.04 25.51 2.49
N ARG A 128 13.75 24.50 1.99
CA ARG A 128 13.14 23.22 1.64
C ARG A 128 13.87 22.10 2.35
N VAL A 129 13.11 21.12 2.83
CA VAL A 129 13.70 19.92 3.40
C VAL A 129 13.07 18.72 2.71
N VAL A 130 13.90 17.78 2.26
CA VAL A 130 13.43 16.70 1.39
C VAL A 130 13.78 15.30 1.90
N PHE A 131 12.86 14.37 1.72
CA PHE A 131 13.13 12.94 1.88
C PHE A 131 13.09 12.28 0.51
N LYS A 132 14.19 11.66 0.12
CA LYS A 132 14.25 10.96 -1.18
C LYS A 132 14.22 9.44 -1.00
N TYR A 133 13.49 8.77 -1.88
CA TYR A 133 13.51 7.32 -1.94
C TYR A 133 13.57 6.85 -3.37
N SER A 134 14.22 5.71 -3.59
CA SER A 134 14.46 5.20 -4.94
C SER A 134 13.37 4.23 -5.40
N GLN A 135 13.11 4.19 -6.70
CA GLN A 135 12.26 3.15 -7.26
C GLN A 135 13.09 2.10 -8.00
N MET A 136 14.40 2.26 -7.94
CA MET A 136 15.33 1.27 -8.51
C MET A 136 15.90 0.47 -7.35
N ILE A 137 15.12 -0.48 -6.85
CA ILE A 137 15.46 -1.16 -5.61
C ILE A 137 14.70 -2.48 -5.53
N ASN A 138 15.35 -3.53 -5.03
CA ASN A 138 14.72 -4.85 -5.01
C ASN A 138 13.42 -4.85 -4.22
N ILE A 139 13.52 -4.49 -2.94
CA ILE A 139 12.37 -4.42 -2.06
C ILE A 139 12.45 -3.11 -1.32
N SER A 140 11.42 -2.26 -1.47
CA SER A 140 11.45 -0.93 -0.88
C SER A 140 10.71 -0.84 0.45
N ASP A 141 11.29 -0.15 1.42
CA ASP A 141 10.59 0.15 2.67
C ASP A 141 9.53 1.25 2.53
N TYR A 142 9.51 1.93 1.38
CA TYR A 142 8.74 3.18 1.22
C TYR A 142 7.69 3.19 0.12
N ILE A 143 8.00 2.59 -1.03
CA ILE A 143 7.08 2.66 -2.15
C ILE A 143 5.75 1.98 -1.82
N ASN A 144 4.67 2.75 -1.86
CA ASN A 144 3.32 2.24 -1.65
C ASN A 144 3.06 1.64 -0.26
N ARG A 145 3.93 1.95 0.71
CA ARG A 145 3.76 1.43 2.07
C ARG A 145 3.55 2.60 3.02
N TRP A 146 2.74 2.38 4.05
CA TRP A 146 2.52 3.44 5.03
C TRP A 146 3.84 3.87 5.65
N ILE A 147 4.14 5.16 5.58
CA ILE A 147 5.30 5.67 6.29
C ILE A 147 4.94 6.86 7.16
N PHE A 148 5.61 6.97 8.29
CA PHE A 148 5.29 8.01 9.25
C PHE A 148 6.17 9.22 8.99
N VAL A 149 5.53 10.35 8.70
CA VAL A 149 6.26 11.58 8.44
C VAL A 149 6.17 12.51 9.65
N THR A 150 7.30 13.09 10.04
CA THR A 150 7.28 14.10 11.09
C THR A 150 8.21 15.22 10.67
N ILE A 151 7.70 16.44 10.72
CA ILE A 151 8.51 17.59 10.36
C ILE A 151 8.45 18.58 11.52
N THR A 152 9.63 18.94 12.03
CA THR A 152 9.71 19.88 13.14
C THR A 152 10.41 21.16 12.70
N ASN A 153 10.02 22.28 13.30
CA ASN A 153 10.61 23.56 12.97
C ASN A 153 11.01 24.33 14.22
N ASN A 154 12.31 24.60 14.35
CA ASN A 154 12.83 25.44 15.42
C ASN A 154 13.29 26.75 14.80
N ARG A 155 12.62 27.83 15.15
CA ARG A 155 12.82 29.12 14.49
C ARG A 155 14.23 29.68 14.69
N LEU A 156 14.93 29.18 15.69
CA LEU A 156 16.28 29.66 15.99
C LEU A 156 17.37 28.88 15.28
N ASN A 157 17.02 27.72 14.73
CA ASN A 157 18.00 26.90 14.00
C ASN A 157 17.45 26.13 12.80
N ASN A 158 17.03 24.89 13.01
CA ASN A 158 16.72 23.98 11.90
C ASN A 158 15.27 23.55 11.75
N SER A 159 14.93 23.19 10.51
CA SER A 159 13.74 22.40 10.23
C SER A 159 14.24 21.01 9.94
N LYS A 160 13.54 20.00 10.45
CA LYS A 160 13.96 18.61 10.34
C LYS A 160 12.84 17.73 9.80
N ILE A 161 13.21 16.78 8.95
CA ILE A 161 12.27 15.77 8.51
C ILE A 161 12.66 14.38 9.04
N TYR A 162 11.69 13.69 9.61
CA TYR A 162 11.87 12.34 10.11
C TYR A 162 10.97 11.42 9.32
N ILE A 163 11.43 10.19 9.09
CA ILE A 163 10.64 9.17 8.46
C ILE A 163 10.68 7.94 9.35
N ASN A 164 9.50 7.44 9.72
CA ASN A 164 9.38 6.29 10.61
C ASN A 164 10.12 6.46 11.93
N GLY A 165 10.04 7.67 12.48
CA GLY A 165 10.61 7.96 13.78
C GLY A 165 12.10 8.25 13.77
N ARG A 166 12.70 8.29 12.57
CA ARG A 166 14.14 8.48 12.47
C ARG A 166 14.51 9.69 11.62
N LEU A 167 15.50 10.46 12.10
CA LEU A 167 15.91 11.69 11.40
C LEU A 167 16.47 11.39 10.02
N ILE A 168 15.95 12.08 9.01
CA ILE A 168 16.46 11.92 7.66
C ILE A 168 17.38 13.07 7.31
N ASP A 169 16.87 14.28 7.42
CA ASP A 169 17.60 15.46 6.99
C ASP A 169 17.18 16.68 7.80
N GLN A 170 17.96 17.74 7.69
CA GLN A 170 17.66 18.99 8.38
C GLN A 170 18.31 20.16 7.63
N LYS A 171 17.65 21.31 7.66
CA LYS A 171 18.15 22.51 6.99
C LYS A 171 17.91 23.75 7.85
N PRO A 172 18.87 24.69 7.86
CA PRO A 172 18.72 25.90 8.66
C PRO A 172 17.56 26.76 8.21
N ILE A 173 16.82 27.35 9.15
CA ILE A 173 15.73 28.25 8.84
C ILE A 173 15.86 29.56 9.64
N SER A 174 16.98 29.72 10.33
CA SER A 174 17.16 30.87 11.22
C SER A 174 17.21 32.21 10.48
N ASN A 175 17.41 32.16 9.18
CA ASN A 175 17.40 33.39 8.37
C ASN A 175 15.99 33.83 8.00
N LEU A 176 15.02 32.94 8.20
CA LEU A 176 13.63 33.28 7.92
C LEU A 176 13.07 34.23 8.97
N GLY A 177 12.38 35.27 8.51
CA GLY A 177 11.80 36.26 9.40
C GLY A 177 10.40 35.89 9.82
N ASN A 178 9.45 36.82 9.67
CA ASN A 178 8.07 36.53 10.02
C ASN A 178 7.42 35.60 9.01
N ILE A 179 6.93 34.47 9.50
CA ILE A 179 6.17 33.55 8.69
C ILE A 179 4.69 33.73 9.01
N HIS A 180 3.91 34.09 8.00
CA HIS A 180 2.47 34.25 8.17
C HIS A 180 1.76 33.26 7.27
N ALA A 181 1.38 32.12 7.83
CA ALA A 181 0.75 31.06 7.03
C ALA A 181 -0.72 31.34 6.73
N SER A 182 -1.31 30.45 5.94
CA SER A 182 -2.69 30.56 5.49
C SER A 182 -3.67 30.35 6.64
N ASN A 183 -4.86 30.93 6.52
CA ASN A 183 -5.95 30.71 7.46
C ASN A 183 -6.55 29.32 7.30
N ASN A 184 -6.20 28.65 6.22
CA ASN A 184 -6.73 27.33 5.95
C ASN A 184 -5.62 26.34 5.63
N ILE A 185 -5.93 25.06 5.76
CA ILE A 185 -5.07 23.99 5.27
C ILE A 185 -5.85 23.17 4.26
N MET A 186 -5.32 23.08 3.04
CA MET A 186 -5.99 22.33 1.99
C MET A 186 -5.27 21.01 1.72
N PHE A 187 -5.96 19.90 1.97
CA PHE A 187 -5.46 18.58 1.60
C PHE A 187 -6.01 18.26 0.22
N LYS A 188 -5.13 18.28 -0.79
CA LYS A 188 -5.58 18.19 -2.18
C LYS A 188 -4.36 18.06 -3.07
N LEU A 189 -4.43 17.17 -4.07
CA LEU A 189 -3.35 17.10 -5.05
C LEU A 189 -3.42 18.32 -5.97
N ASP A 190 -2.38 19.14 -5.95
CA ASP A 190 -2.40 20.42 -6.63
C ASP A 190 -1.22 20.48 -7.60
N GLY A 191 -1.51 20.54 -8.90
CA GLY A 191 -0.47 20.65 -9.91
C GLY A 191 0.15 19.32 -10.33
N CYS A 192 -0.54 18.22 -10.04
CA CYS A 192 -0.06 16.90 -10.43
C CYS A 192 -0.51 16.57 -11.84
N ARG A 193 0.43 16.20 -12.71
CA ARG A 193 0.12 15.93 -14.11
C ARG A 193 -0.31 14.49 -14.37
N ASP A 194 -0.16 13.62 -13.37
CA ASP A 194 -0.54 12.23 -13.50
C ASP A 194 -2.00 12.11 -13.09
N THR A 195 -2.89 11.93 -14.06
CA THR A 195 -4.32 11.93 -13.77
C THR A 195 -4.79 10.77 -12.89
N HIS A 196 -3.95 9.75 -12.74
CA HIS A 196 -4.30 8.58 -11.91
C HIS A 196 -3.69 8.66 -10.52
N ARG A 197 -2.91 9.71 -10.27
CA ARG A 197 -2.20 9.82 -9.00
C ARG A 197 -3.19 9.98 -7.84
N TYR A 198 -2.86 9.35 -6.72
CA TYR A 198 -3.59 9.58 -5.48
C TYR A 198 -2.63 9.45 -4.33
N ILE A 199 -3.08 9.79 -3.13
CA ILE A 199 -2.35 9.41 -1.92
C ILE A 199 -3.32 8.82 -0.93
N TRP A 200 -2.80 8.04 0.01
CA TRP A 200 -3.54 7.71 1.23
C TRP A 200 -2.87 8.50 2.33
N ILE A 201 -3.67 9.02 3.26
CA ILE A 201 -3.13 9.77 4.39
C ILE A 201 -3.93 9.44 5.63
N LYS A 202 -3.28 9.48 6.80
CA LYS A 202 -4.01 9.28 8.04
C LYS A 202 -3.29 9.94 9.22
N TYR A 203 -4.05 10.19 10.28
CA TYR A 203 -3.53 10.67 11.54
C TYR A 203 -2.77 11.99 11.41
N PHE A 204 -3.36 12.97 10.73
CA PHE A 204 -2.71 14.27 10.62
C PHE A 204 -2.81 15.05 11.92
N ASN A 205 -1.67 15.62 12.33
CA ASN A 205 -1.58 16.47 13.51
C ASN A 205 -0.68 17.67 13.29
N LEU A 206 -1.00 18.75 14.00
CA LEU A 206 -0.16 19.94 14.11
C LEU A 206 0.15 20.17 15.59
N PHE A 207 1.37 20.56 15.88
CA PHE A 207 1.80 20.83 17.25
C PHE A 207 2.38 22.24 17.31
N ASP A 208 2.18 22.93 18.42
CA ASP A 208 2.74 24.27 18.56
C ASP A 208 4.09 24.26 19.30
N LYS A 209 4.92 23.29 18.97
CA LYS A 209 6.28 23.25 19.48
C LYS A 209 7.10 22.35 18.58
N GLU A 210 8.42 22.36 18.79
CA GLU A 210 9.33 21.43 18.14
C GLU A 210 9.32 20.11 18.92
N LEU A 211 8.76 19.06 18.32
CA LEU A 211 8.78 17.74 18.93
C LEU A 211 10.23 17.28 19.05
N ASN A 212 10.55 16.63 20.17
CA ASN A 212 11.89 16.06 20.31
C ASN A 212 11.92 14.62 19.81
N GLU A 213 13.11 14.02 19.74
CA GLU A 213 13.21 12.70 19.11
C GLU A 213 12.49 11.62 19.90
N LYS A 214 12.44 11.75 21.23
CA LYS A 214 11.74 10.78 22.05
C LYS A 214 10.24 10.83 21.80
N GLU A 215 9.71 12.04 21.68
CA GLU A 215 8.28 12.24 21.43
C GLU A 215 7.88 11.66 20.07
N ILE A 216 8.73 11.88 19.07
CA ILE A 216 8.48 11.41 17.72
C ILE A 216 8.52 9.89 17.66
N LYS A 217 9.51 9.31 18.33
CA LYS A 217 9.63 7.86 18.37
C LYS A 217 8.44 7.26 19.10
N ASP A 218 8.00 7.92 20.17
CA ASP A 218 6.83 7.47 20.91
C ASP A 218 5.55 7.56 20.06
N LEU A 219 5.41 8.63 19.30
CA LEU A 219 4.25 8.78 18.39
C LEU A 219 4.22 7.67 17.36
N TYR A 220 5.40 7.40 16.80
CA TYR A 220 5.55 6.35 15.81
C TYR A 220 5.11 5.00 16.36
N ASP A 221 5.62 4.65 17.55
CA ASP A 221 5.30 3.38 18.17
C ASP A 221 3.80 3.29 18.47
N ASN A 222 3.26 4.37 19.02
CA ASN A 222 1.85 4.37 19.45
C ASN A 222 0.90 4.24 18.28
N GLN A 223 1.14 5.03 17.23
CA GLN A 223 0.26 5.06 16.07
C GLN A 223 0.45 3.86 15.14
N SER A 224 1.47 3.05 15.42
CA SER A 224 1.69 1.82 14.65
C SER A 224 0.66 0.74 14.97
N ASN A 225 -0.04 0.89 16.10
CA ASN A 225 -1.10 -0.05 16.49
C ASN A 225 -0.60 -1.49 16.48
N SER A 226 0.43 -1.74 17.28
CA SER A 226 1.22 -2.96 17.18
C SER A 226 0.51 -4.23 17.63
N GLY A 227 -0.68 -4.09 18.23
CA GLY A 227 -1.45 -5.24 18.66
C GLY A 227 -2.19 -5.89 17.51
N ILE A 228 -2.13 -5.24 16.35
CA ILE A 228 -2.79 -5.71 15.15
C ILE A 228 -1.73 -6.06 14.11
N LEU A 229 -1.83 -7.25 13.51
CA LEU A 229 -0.88 -7.61 12.45
C LEU A 229 -1.09 -6.76 11.21
N LYS A 230 0.00 -6.52 10.47
CA LYS A 230 -0.06 -5.69 9.28
C LYS A 230 0.29 -6.49 8.04
N ASP A 231 -0.27 -6.09 6.91
CA ASP A 231 0.22 -6.61 5.64
C ASP A 231 1.45 -5.82 5.19
N PHE A 232 1.98 -6.16 4.03
CA PHE A 232 3.20 -5.54 3.52
C PHE A 232 3.06 -4.03 3.37
N TRP A 233 1.87 -3.61 2.97
CA TRP A 233 1.63 -2.19 2.72
C TRP A 233 1.42 -1.39 4.01
N GLY A 234 1.20 -2.11 5.10
CA GLY A 234 0.99 -1.48 6.41
C GLY A 234 -0.47 -1.40 6.83
N ASP A 235 -1.36 -1.93 6.00
CA ASP A 235 -2.78 -2.03 6.36
C ASP A 235 -2.98 -3.17 7.34
N TYR A 236 -4.13 -3.20 8.01
CA TYR A 236 -4.45 -4.31 8.89
C TYR A 236 -4.45 -5.65 8.15
N LEU A 237 -3.82 -6.66 8.73
CA LEU A 237 -3.87 -7.99 8.17
C LEU A 237 -5.28 -8.52 8.38
N GLN A 238 -5.82 -9.21 7.36
CA GLN A 238 -7.20 -9.67 7.40
C GLN A 238 -7.35 -11.17 7.19
N TYR A 239 -8.43 -11.72 7.74
CA TYR A 239 -8.85 -13.10 7.46
C TYR A 239 -9.50 -13.19 6.09
N ASP A 240 -9.44 -14.36 5.48
CA ASP A 240 -10.10 -14.61 4.19
C ASP A 240 -9.62 -13.69 3.07
N LYS A 241 -8.35 -13.29 3.12
CA LYS A 241 -7.81 -12.42 2.09
C LYS A 241 -6.54 -13.02 1.52
N PRO A 242 -6.46 -13.16 0.18
CA PRO A 242 -5.30 -13.75 -0.48
C PRO A 242 -4.06 -12.88 -0.36
N TYR A 243 -2.98 -13.46 0.12
CA TYR A 243 -1.69 -12.76 0.23
C TYR A 243 -0.59 -13.53 -0.50
N TYR A 244 0.24 -12.82 -1.25
CA TYR A 244 1.47 -13.40 -1.75
C TYR A 244 2.53 -13.28 -0.68
N MET A 245 3.29 -14.34 -0.44
CA MET A 245 4.26 -14.32 0.64
C MET A 245 5.63 -13.86 0.20
N LEU A 246 6.29 -13.10 1.07
CA LEU A 246 7.65 -12.67 0.86
C LEU A 246 8.45 -13.02 2.11
N ASN A 247 9.46 -13.87 1.94
CA ASN A 247 10.36 -14.19 3.04
C ASN A 247 11.47 -13.16 3.09
N LEU A 248 11.62 -12.49 4.22
CA LEU A 248 12.59 -11.40 4.34
C LEU A 248 14.03 -11.87 4.43
N TYR A 249 14.23 -13.13 4.79
CA TYR A 249 15.58 -13.69 4.89
C TYR A 249 16.11 -14.04 3.50
N ASP A 250 15.23 -14.56 2.65
CA ASP A 250 15.56 -14.79 1.25
C ASP A 250 14.47 -14.22 0.36
N PRO A 251 14.55 -12.92 0.06
CA PRO A 251 13.54 -12.21 -0.73
C PRO A 251 13.51 -12.60 -2.20
N ASN A 252 14.56 -13.29 -2.67
CA ASN A 252 14.66 -13.64 -4.08
C ASN A 252 14.05 -15.00 -4.40
N LYS A 253 13.08 -15.42 -3.59
CA LYS A 253 12.39 -16.67 -3.82
C LYS A 253 10.90 -16.51 -3.54
N TYR A 254 10.08 -17.43 -4.04
CA TYR A 254 8.66 -17.42 -3.72
C TYR A 254 8.22 -18.80 -3.26
N VAL A 255 7.07 -18.87 -2.59
CA VAL A 255 6.57 -20.14 -2.09
C VAL A 255 5.95 -21.01 -3.18
N ASP A 256 6.34 -22.28 -3.21
CA ASP A 256 5.73 -23.24 -4.11
C ASP A 256 5.49 -24.58 -3.44
N VAL A 257 4.77 -25.44 -4.14
CA VAL A 257 4.52 -26.79 -3.67
C VAL A 257 4.96 -27.76 -4.73
N ASN A 258 5.85 -28.68 -4.38
CA ASN A 258 6.26 -29.69 -5.37
C ASN A 258 5.10 -30.63 -5.67
N ASN A 259 4.51 -31.15 -4.60
CA ASN A 259 3.32 -31.97 -4.69
C ASN A 259 2.47 -31.78 -3.45
N VAL A 260 1.16 -31.90 -3.62
CA VAL A 260 0.24 -31.82 -2.49
C VAL A 260 0.32 -33.10 -1.67
N GLY A 261 -0.23 -33.04 -0.45
CA GLY A 261 -0.24 -34.19 0.44
C GLY A 261 0.97 -34.26 1.35
N ILE A 262 0.94 -35.18 2.30
CA ILE A 262 2.00 -35.29 3.30
C ILE A 262 3.31 -35.82 2.72
N ARG A 263 3.25 -36.37 1.50
CA ARG A 263 4.46 -36.84 0.84
C ARG A 263 5.14 -35.72 0.04
N GLY A 264 4.45 -34.59 -0.08
CA GLY A 264 5.02 -33.43 -0.73
C GLY A 264 5.46 -32.40 0.30
N TYR A 265 6.00 -31.28 -0.15
CA TYR A 265 6.51 -30.27 0.78
C TYR A 265 6.41 -28.84 0.23
N MET A 266 6.37 -27.86 1.12
CA MET A 266 6.41 -26.47 0.71
C MET A 266 7.87 -26.03 0.73
N TYR A 267 8.24 -25.24 -0.28
CA TYR A 267 9.62 -24.76 -0.39
C TYR A 267 9.67 -23.38 -1.04
N LEU A 268 10.81 -22.72 -0.93
CA LEU A 268 11.03 -21.44 -1.60
C LEU A 268 11.71 -21.73 -2.92
N LYS A 269 11.11 -21.21 -4.00
CA LYS A 269 11.61 -21.44 -5.35
C LYS A 269 12.11 -20.11 -5.89
N GLY A 270 13.20 -20.15 -6.64
CA GLY A 270 13.75 -18.93 -7.21
C GLY A 270 14.06 -19.10 -8.69
N PRO A 271 14.34 -17.99 -9.38
CA PRO A 271 14.31 -16.65 -8.78
C PRO A 271 12.92 -16.04 -8.83
N ARG A 272 12.72 -15.02 -8.01
CA ARG A 272 11.44 -14.35 -7.90
C ARG A 272 11.09 -13.54 -9.16
N GLY A 273 12.11 -12.96 -9.78
CA GLY A 273 11.91 -12.20 -11.00
C GLY A 273 11.73 -10.72 -10.72
N SER A 274 11.84 -9.91 -11.76
CA SER A 274 11.74 -8.45 -11.62
C SER A 274 10.65 -7.84 -12.48
N VAL A 275 10.21 -6.65 -12.10
CA VAL A 275 9.36 -5.81 -12.94
C VAL A 275 10.10 -4.50 -13.20
N MET A 276 9.90 -3.94 -14.39
CA MET A 276 10.66 -2.77 -14.79
C MET A 276 9.94 -1.92 -15.81
N THR A 277 10.00 -0.61 -15.62
CA THR A 277 9.74 0.34 -16.69
C THR A 277 10.96 1.24 -16.75
N THR A 278 11.65 1.22 -17.90
CA THR A 278 12.95 1.90 -18.03
C THR A 278 12.87 3.37 -17.57
N ASN A 279 13.86 3.76 -16.76
CA ASN A 279 13.94 5.10 -16.18
C ASN A 279 12.91 5.42 -15.12
N ILE A 280 12.00 4.49 -14.83
CA ILE A 280 10.93 4.76 -13.86
C ILE A 280 10.99 3.85 -12.63
N TYR A 281 11.05 2.53 -12.84
CA TYR A 281 11.20 1.61 -11.72
C TYR A 281 11.85 0.30 -12.15
N LEU A 282 12.48 -0.35 -11.17
CA LEU A 282 13.06 -1.68 -11.33
C LEU A 282 12.99 -2.33 -9.97
N ASN A 283 12.08 -3.30 -9.83
CA ASN A 283 11.83 -3.90 -8.52
C ASN A 283 11.68 -5.41 -8.64
N SER A 284 11.75 -6.09 -7.50
CA SER A 284 11.37 -7.49 -7.44
C SER A 284 9.86 -7.57 -7.70
N SER A 285 9.45 -8.58 -8.46
CA SER A 285 8.02 -8.87 -8.58
C SER A 285 7.49 -9.30 -7.22
N LEU A 286 6.36 -8.73 -6.81
CA LEU A 286 5.79 -9.07 -5.50
C LEU A 286 4.66 -10.09 -5.60
N TYR A 287 4.03 -10.16 -6.76
CA TYR A 287 2.83 -10.99 -6.89
C TYR A 287 3.19 -12.37 -7.44
N ARG A 288 3.93 -13.13 -6.65
CA ARG A 288 4.49 -14.40 -7.10
C ARG A 288 4.30 -15.49 -6.06
N GLY A 289 4.17 -16.73 -6.51
CA GLY A 289 4.10 -17.85 -5.60
C GLY A 289 2.70 -18.23 -5.15
N ALA A 290 2.62 -19.28 -4.32
CA ALA A 290 1.34 -19.79 -3.84
C ALA A 290 0.78 -18.90 -2.76
N LYS A 291 -0.45 -18.43 -2.95
CA LYS A 291 -1.06 -17.49 -2.00
C LYS A 291 -1.43 -18.16 -0.68
N PHE A 292 -1.19 -17.45 0.42
CA PHE A 292 -1.68 -17.90 1.72
C PHE A 292 -2.97 -17.18 2.02
N ILE A 293 -3.89 -17.87 2.69
CA ILE A 293 -5.12 -17.24 3.14
C ILE A 293 -5.30 -17.59 4.60
N ILE A 294 -5.55 -16.57 5.41
CA ILE A 294 -5.64 -16.72 6.86
C ILE A 294 -7.07 -17.04 7.28
N LYS A 295 -7.25 -18.15 7.99
CA LYS A 295 -8.59 -18.65 8.34
C LYS A 295 -8.83 -18.65 9.84
N LYS A 296 -9.94 -18.07 10.26
CA LYS A 296 -10.36 -18.06 11.66
C LYS A 296 -10.41 -19.45 12.29
N TYR A 297 -9.84 -19.57 13.49
CA TYR A 297 -10.00 -20.78 14.29
C TYR A 297 -11.06 -20.51 15.34
N ASN A 301 -14.35 -12.30 17.55
CA ASN A 301 -14.55 -10.97 17.01
C ASN A 301 -14.98 -11.13 15.55
N LYS A 302 -15.88 -10.28 15.08
CA LYS A 302 -16.46 -10.47 13.76
C LYS A 302 -15.92 -9.52 12.69
N ASP A 303 -14.84 -8.81 12.98
CA ASP A 303 -14.39 -7.73 12.10
C ASP A 303 -13.31 -8.08 11.07
N ASN A 304 -12.93 -9.35 10.99
CA ASN A 304 -11.96 -9.85 10.01
C ASN A 304 -10.53 -9.34 10.16
N ILE A 305 -10.25 -8.61 11.22
CA ILE A 305 -8.90 -8.13 11.48
C ILE A 305 -8.10 -9.15 12.30
N VAL A 306 -6.89 -9.46 11.85
CA VAL A 306 -6.04 -10.44 12.52
C VAL A 306 -5.23 -9.76 13.61
N ARG A 307 -5.38 -10.24 14.84
CA ARG A 307 -4.75 -9.60 15.99
C ARG A 307 -3.65 -10.47 16.59
N ASN A 308 -2.72 -9.81 17.28
CA ASN A 308 -1.65 -10.50 17.99
C ASN A 308 -2.20 -11.62 18.88
N ASN A 309 -1.58 -12.80 18.78
CA ASN A 309 -1.95 -14.01 19.53
C ASN A 309 -3.20 -14.74 19.06
N ASP A 310 -3.85 -14.24 18.01
CA ASP A 310 -4.95 -14.97 17.37
C ASP A 310 -4.47 -16.35 16.94
N ARG A 311 -5.26 -17.38 17.25
CA ARG A 311 -4.99 -18.71 16.73
C ARG A 311 -5.69 -18.89 15.39
N VAL A 312 -4.99 -19.50 14.45
CA VAL A 312 -5.41 -19.49 13.07
C VAL A 312 -5.10 -20.80 12.34
N TYR A 313 -5.74 -21.02 11.20
CA TYR A 313 -5.25 -21.97 10.21
C TYR A 313 -4.77 -21.22 8.98
N ILE A 314 -3.72 -21.73 8.34
CA ILE A 314 -3.25 -21.15 7.09
C ILE A 314 -3.68 -22.01 5.92
N ASN A 315 -4.46 -21.43 5.01
CA ASN A 315 -4.79 -22.09 3.75
C ASN A 315 -3.79 -21.67 2.68
N VAL A 316 -3.49 -22.58 1.76
CA VAL A 316 -2.55 -22.29 0.68
C VAL A 316 -3.19 -22.59 -0.67
N VAL A 317 -3.15 -21.62 -1.58
CA VAL A 317 -3.76 -21.79 -2.89
C VAL A 317 -2.77 -22.41 -3.89
N VAL A 318 -3.09 -23.63 -4.32
CA VAL A 318 -2.27 -24.35 -5.29
C VAL A 318 -3.13 -24.70 -6.48
N LYS A 319 -2.75 -24.22 -7.66
CA LYS A 319 -3.49 -24.50 -8.88
C LYS A 319 -4.98 -24.22 -8.69
N ASN A 320 -5.30 -23.01 -8.26
CA ASN A 320 -6.68 -22.54 -8.16
C ASN A 320 -7.49 -23.24 -7.07
N LYS A 321 -6.84 -24.06 -6.25
CA LYS A 321 -7.51 -24.76 -5.15
C LYS A 321 -6.85 -24.50 -3.79
N GLU A 322 -7.65 -24.49 -2.73
CA GLU A 322 -7.14 -24.24 -1.39
C GLU A 322 -6.75 -25.53 -0.65
N TYR A 323 -5.58 -25.49 -0.01
CA TYR A 323 -5.11 -26.61 0.81
C TYR A 323 -4.71 -26.10 2.18
N ARG A 324 -4.40 -27.02 3.08
CA ARG A 324 -4.09 -26.66 4.47
C ARG A 324 -2.62 -26.90 4.82
N LEU A 325 -1.96 -25.84 5.27
CA LEU A 325 -0.59 -25.93 5.75
C LEU A 325 -0.55 -26.80 6.99
N ALA A 326 0.21 -27.90 6.94
CA ALA A 326 0.31 -28.82 8.07
C ALA A 326 1.60 -29.61 8.05
N THR A 327 1.87 -30.31 9.15
CA THR A 327 3.08 -31.13 9.25
C THR A 327 2.95 -32.23 10.29
N ASN A 328 3.78 -33.26 10.14
CA ASN A 328 3.94 -34.30 11.15
C ASN A 328 5.11 -33.94 12.05
N ALA A 329 4.81 -33.49 13.26
CA ALA A 329 5.82 -32.98 14.18
C ALA A 329 6.36 -34.04 15.15
N SER A 330 5.99 -35.30 14.93
CA SER A 330 6.33 -36.35 15.89
C SER A 330 7.69 -37.01 15.65
N GLN A 331 8.48 -36.45 14.74
CA GLN A 331 9.78 -37.03 14.41
C GLN A 331 10.93 -36.31 15.11
N ALA A 332 12.11 -36.95 15.10
CA ALA A 332 13.26 -36.50 15.88
C ALA A 332 13.81 -35.13 15.46
N GLY A 333 13.80 -34.85 14.17
CA GLY A 333 14.33 -33.59 13.67
C GLY A 333 13.61 -32.36 14.22
N VAL A 334 14.38 -31.38 14.66
CA VAL A 334 13.81 -30.15 15.21
C VAL A 334 13.05 -29.38 14.13
N GLU A 335 13.57 -29.42 12.90
CA GLU A 335 12.87 -28.83 11.77
C GLU A 335 11.74 -29.74 11.31
N LYS A 336 10.54 -29.18 11.24
CA LYS A 336 9.36 -29.93 10.82
C LYS A 336 8.92 -29.44 9.46
N ILE A 337 9.13 -30.27 8.43
CA ILE A 337 8.80 -29.88 7.06
C ILE A 337 7.30 -29.70 6.86
N LEU A 338 6.92 -28.57 6.29
CA LEU A 338 5.51 -28.24 6.10
C LEU A 338 5.01 -28.74 4.75
N SER A 339 3.77 -29.23 4.74
CA SER A 339 3.16 -29.74 3.52
C SER A 339 1.80 -29.08 3.31
N ALA A 340 1.27 -29.12 2.09
CA ALA A 340 -0.10 -28.67 1.84
C ALA A 340 -0.99 -29.86 1.74
N LEU A 341 -1.92 -29.96 2.68
CA LEU A 341 -2.79 -31.11 2.76
C LEU A 341 -4.16 -30.79 2.19
N GLU A 342 -4.84 -31.82 1.69
CA GLU A 342 -6.27 -31.70 1.45
C GLU A 342 -6.88 -31.37 2.80
N ILE A 343 -7.70 -30.32 2.83
CA ILE A 343 -8.30 -29.86 4.08
C ILE A 343 -9.11 -30.94 4.85
N PRO A 344 -9.93 -31.73 4.15
CA PRO A 344 -10.62 -32.80 4.88
C PRO A 344 -9.69 -33.89 5.42
N ASP A 345 -8.45 -33.92 4.97
CA ASP A 345 -7.55 -35.03 5.29
C ASP A 345 -6.41 -34.67 6.26
N VAL A 346 -6.51 -33.52 6.92
CA VAL A 346 -5.47 -33.07 7.83
C VAL A 346 -5.32 -33.97 9.06
N GLY A 347 -6.44 -34.43 9.60
CA GLY A 347 -6.42 -35.39 10.69
C GLY A 347 -5.79 -34.86 11.97
N ASN A 348 -4.90 -35.65 12.57
CA ASN A 348 -4.23 -35.24 13.80
C ASN A 348 -2.90 -34.54 13.57
N LEU A 349 -2.70 -34.05 12.36
CA LEU A 349 -1.49 -33.31 12.03
C LEU A 349 -1.53 -31.93 12.66
N SER A 350 -0.34 -31.39 12.91
CA SER A 350 -0.22 -30.06 13.49
C SER A 350 -0.54 -29.01 12.44
N GLN A 351 -1.40 -28.06 12.79
CA GLN A 351 -1.88 -27.09 11.81
C GLN A 351 -2.29 -25.73 12.40
N VAL A 352 -2.50 -25.68 13.71
CA VAL A 352 -2.90 -24.42 14.33
C VAL A 352 -1.70 -23.50 14.49
N VAL A 353 -1.88 -22.25 14.07
CA VAL A 353 -0.79 -21.29 14.03
C VAL A 353 -1.16 -20.09 14.88
N VAL A 354 -0.22 -19.62 15.69
CA VAL A 354 -0.43 -18.40 16.43
C VAL A 354 0.21 -17.24 15.68
N MET A 355 -0.60 -16.24 15.36
CA MET A 355 -0.11 -15.07 14.64
C MET A 355 0.52 -14.12 15.63
N LYS A 356 1.70 -13.61 15.31
CA LYS A 356 2.45 -12.78 16.23
C LYS A 356 2.90 -11.47 15.58
N SER A 357 2.73 -10.38 16.32
CA SER A 357 3.23 -9.08 15.88
C SER A 357 4.31 -8.60 16.86
N LYS A 358 4.17 -9.02 18.11
CA LYS A 358 5.10 -8.62 19.17
C LYS A 358 5.06 -9.64 20.29
N ASN A 359 6.04 -9.59 21.21
CA ASN A 359 6.05 -10.49 22.35
C ASN A 359 5.32 -9.94 23.57
N ASP A 360 5.46 -10.61 24.70
CA ASP A 360 4.75 -10.22 25.92
C ASP A 360 5.29 -8.94 26.54
N GLN A 361 6.52 -8.56 26.18
CA GLN A 361 7.12 -7.35 26.71
C GLN A 361 6.97 -6.19 25.74
N GLY A 362 6.29 -6.44 24.63
CA GLY A 362 5.98 -5.39 23.67
C GLY A 362 6.97 -5.25 22.53
N ILE A 363 8.02 -6.06 22.56
CA ILE A 363 9.05 -6.03 21.51
C ILE A 363 8.50 -6.62 20.22
N THR A 364 8.66 -5.90 19.12
CA THR A 364 8.15 -6.34 17.82
C THR A 364 9.15 -7.23 17.07
N ASN A 365 8.61 -8.10 16.22
CA ASN A 365 9.42 -9.03 15.44
C ASN A 365 8.67 -9.43 14.17
N LYS A 366 9.39 -9.58 13.07
CA LYS A 366 8.75 -9.91 11.79
C LYS A 366 8.38 -11.38 11.66
N CYS A 367 8.74 -12.20 12.64
CA CYS A 367 8.34 -13.60 12.62
C CYS A 367 6.87 -13.76 13.00
N LYS A 368 6.06 -14.07 11.99
CA LYS A 368 4.61 -13.88 12.06
C LYS A 368 3.81 -15.11 12.47
N MET A 369 4.38 -16.29 12.29
CA MET A 369 3.60 -17.53 12.39
C MET A 369 4.26 -18.58 13.27
N ASN A 370 3.68 -18.80 14.45
CA ASN A 370 4.19 -19.81 15.37
C ASN A 370 3.25 -21.01 15.44
N LEU A 371 3.61 -22.10 14.75
CA LEU A 371 2.77 -23.29 14.70
C LEU A 371 2.73 -23.96 16.07
N GLN A 372 1.56 -24.44 16.46
CA GLN A 372 1.39 -25.08 17.76
C GLN A 372 0.66 -26.40 17.63
N ASP A 373 0.61 -27.17 18.72
CA ASP A 373 -0.33 -28.28 18.78
C ASP A 373 -1.69 -27.70 19.15
N ASN A 374 -2.64 -28.54 19.53
CA ASN A 374 -3.97 -28.04 19.83
C ASN A 374 -4.15 -27.55 21.29
N ASN A 375 -3.10 -27.69 22.09
CA ASN A 375 -3.15 -27.27 23.49
C ASN A 375 -2.22 -26.12 23.84
N GLY A 376 -1.94 -25.25 22.85
CA GLY A 376 -1.11 -24.07 23.08
C GLY A 376 0.37 -24.33 23.27
N ASN A 377 0.85 -25.50 22.84
CA ASN A 377 2.26 -25.82 22.97
C ASN A 377 3.03 -25.55 21.67
N ASP A 378 4.16 -24.88 21.79
CA ASP A 378 4.94 -24.48 20.62
C ASP A 378 5.53 -25.66 19.84
N ILE A 379 5.46 -25.56 18.53
CA ILE A 379 6.18 -26.48 17.64
C ILE A 379 7.34 -25.69 17.03
N GLY A 380 7.06 -24.43 16.71
CA GLY A 380 8.09 -23.55 16.21
C GLY A 380 7.58 -22.54 15.22
N PHE A 381 8.28 -21.42 15.13
CA PHE A 381 7.95 -20.43 14.13
C PHE A 381 8.16 -21.00 12.74
N ILE A 382 7.33 -20.57 11.79
CA ILE A 382 7.45 -21.04 10.42
C ILE A 382 8.53 -20.26 9.68
N GLY A 383 9.51 -20.99 9.16
CA GLY A 383 10.55 -20.41 8.32
C GLY A 383 10.94 -21.41 7.25
N PHE A 384 12.25 -21.60 7.07
CA PHE A 384 12.71 -22.59 6.10
C PHE A 384 14.07 -23.17 6.47
N HIS A 385 14.40 -24.30 5.86
CA HIS A 385 15.67 -24.96 6.09
C HIS A 385 16.12 -25.68 4.82
N GLN A 386 17.40 -25.58 4.52
CA GLN A 386 17.97 -26.23 3.34
C GLN A 386 18.13 -27.74 3.57
N PHE A 387 17.48 -28.52 2.72
CA PHE A 387 17.69 -29.97 2.70
C PHE A 387 18.30 -30.32 1.36
N ASN A 388 19.57 -30.71 1.38
CA ASN A 388 20.39 -30.80 0.18
C ASN A 388 20.36 -29.47 -0.56
N ASN A 389 19.59 -29.42 -1.64
CA ASN A 389 19.51 -28.23 -2.49
C ASN A 389 18.23 -27.46 -2.28
N ILE A 390 17.33 -28.01 -1.48
CA ILE A 390 15.95 -27.52 -1.42
C ILE A 390 15.60 -26.79 -0.13
N ALA A 391 15.26 -25.51 -0.26
CA ALA A 391 14.85 -24.70 0.88
C ALA A 391 13.40 -24.98 1.25
N LYS A 392 13.16 -26.04 2.00
CA LYS A 392 11.79 -26.43 2.35
C LYS A 392 11.22 -25.57 3.48
N LEU A 393 9.93 -25.27 3.39
CA LEU A 393 9.27 -24.56 4.48
C LEU A 393 9.27 -25.45 5.72
N VAL A 394 9.52 -24.83 6.86
CA VAL A 394 9.80 -25.59 8.08
C VAL A 394 9.29 -24.85 9.31
N ALA A 395 8.84 -25.60 10.31
CA ALA A 395 8.53 -25.03 11.61
C ALA A 395 9.64 -25.48 12.56
N SER A 396 10.18 -24.56 13.34
CA SER A 396 11.34 -24.88 14.18
C SER A 396 11.43 -24.04 15.45
N ASN A 397 11.55 -24.72 16.58
CA ASN A 397 11.69 -24.06 17.87
C ASN A 397 13.02 -23.30 18.03
N TRP A 398 13.99 -23.61 17.17
CA TRP A 398 15.24 -22.85 17.15
C TRP A 398 14.95 -21.37 16.94
N TYR A 399 13.99 -21.09 16.06
CA TYR A 399 13.54 -19.72 15.80
C TYR A 399 13.05 -19.06 17.09
N ASN A 400 12.17 -19.75 17.81
CA ASN A 400 11.57 -19.22 19.02
C ASN A 400 12.62 -18.79 20.05
N ARG A 401 13.72 -19.52 20.09
CA ARG A 401 14.81 -19.20 21.00
C ARG A 401 15.60 -18.00 20.51
N GLN A 402 15.63 -17.80 19.19
CA GLN A 402 16.38 -16.69 18.60
C GLN A 402 15.64 -15.36 18.72
N ILE A 403 14.31 -15.41 18.69
CA ILE A 403 13.47 -14.23 18.78
C ILE A 403 13.79 -13.38 20.03
N GLU A 404 14.09 -14.06 21.12
CA GLU A 404 14.31 -13.40 22.40
C GLU A 404 15.63 -12.63 22.46
N ARG A 405 16.72 -13.31 22.10
CA ARG A 405 18.05 -12.72 22.24
C ARG A 405 18.32 -11.56 21.29
N SER A 406 17.81 -11.66 20.07
CA SER A 406 18.13 -10.67 19.04
C SER A 406 16.91 -10.22 18.25
N SER A 407 17.01 -9.01 17.70
CA SER A 407 15.91 -8.37 16.99
C SER A 407 16.08 -8.51 15.48
N ARG A 408 17.14 -9.19 15.08
CA ARG A 408 17.51 -9.30 13.67
C ARG A 408 16.55 -10.15 12.83
N THR A 409 16.57 -9.91 11.52
CA THR A 409 15.79 -10.68 10.55
C THR A 409 16.17 -12.16 10.58
N LEU A 410 15.18 -13.04 10.54
CA LEU A 410 15.43 -14.47 10.57
C LEU A 410 14.67 -15.17 9.46
N GLY A 411 14.92 -16.47 9.30
CA GLY A 411 14.22 -17.27 8.30
C GLY A 411 12.72 -17.33 8.53
N CYS A 412 12.28 -16.96 9.73
CA CYS A 412 10.86 -16.98 10.05
C CYS A 412 10.18 -15.63 9.82
N SER A 413 10.93 -14.68 9.26
CA SER A 413 10.41 -13.33 9.02
C SER A 413 9.66 -13.27 7.68
N TRP A 414 8.36 -12.97 7.73
CA TRP A 414 7.53 -12.94 6.52
C TRP A 414 6.74 -11.65 6.36
N GLU A 415 6.38 -11.34 5.11
CA GLU A 415 5.42 -10.29 4.77
C GLU A 415 4.28 -10.85 3.93
N PHE A 416 3.06 -10.41 4.22
CA PHE A 416 1.88 -10.82 3.47
C PHE A 416 1.52 -9.70 2.49
N ILE A 417 1.55 -9.98 1.19
CA ILE A 417 1.34 -8.94 0.19
C ILE A 417 0.08 -9.14 -0.63
N PRO A 418 -0.96 -8.35 -0.37
CA PRO A 418 -2.17 -8.41 -1.17
C PRO A 418 -2.05 -7.52 -2.41
N VAL A 419 -2.81 -7.83 -3.46
CA VAL A 419 -2.77 -7.01 -4.67
C VAL A 419 -3.38 -5.63 -4.38
N ASP A 420 -2.66 -4.58 -4.75
CA ASP A 420 -3.03 -3.21 -4.38
C ASP A 420 -2.87 -2.25 -5.56
N ASP A 421 -3.75 -1.26 -5.65
CA ASP A 421 -3.74 -0.28 -6.75
C ASP A 421 -2.47 0.55 -6.85
N GLY A 422 -1.72 0.65 -5.74
CA GLY A 422 -0.49 1.42 -5.76
C GLY A 422 0.73 0.62 -6.19
N TRP A 423 0.49 -0.62 -6.62
CA TRP A 423 1.57 -1.46 -7.13
C TRP A 423 1.01 -2.38 -8.20
N GLY A 424 1.05 -1.92 -9.44
CA GLY A 424 0.58 -2.72 -10.56
C GLY A 424 1.75 -3.39 -11.24
N GLU A 425 1.57 -4.65 -11.62
CA GLU A 425 2.60 -5.40 -12.33
C GLU A 425 2.06 -5.96 -13.64
N ARG A 426 2.82 -5.83 -14.71
CA ARG A 426 2.51 -6.56 -15.92
C ARG A 426 2.73 -8.05 -15.67
N PRO A 427 1.97 -8.91 -16.36
CA PRO A 427 2.00 -10.35 -16.07
C PRO A 427 3.32 -11.00 -16.50
N LEU A 428 3.83 -11.92 -15.68
CA LEU A 428 5.05 -12.64 -16.02
C LEU A 428 4.70 -13.99 -16.64
N GLN B 1 -5.77 -22.38 -15.00
CA GLN B 1 -7.14 -22.71 -15.42
C GLN B 1 -8.08 -21.54 -15.15
N VAL B 2 -7.51 -20.35 -14.98
CA VAL B 2 -8.27 -19.13 -14.88
C VAL B 2 -7.93 -18.26 -16.09
N GLN B 3 -8.85 -17.39 -16.50
CA GLN B 3 -8.61 -16.58 -17.69
C GLN B 3 -9.44 -15.30 -17.72
N LEU B 4 -8.85 -14.26 -18.30
CA LEU B 4 -9.58 -13.05 -18.68
C LEU B 4 -9.68 -13.05 -20.19
N VAL B 5 -10.90 -13.06 -20.71
CA VAL B 5 -11.10 -13.08 -22.16
C VAL B 5 -11.73 -11.78 -22.63
N GLU B 6 -11.08 -11.13 -23.59
CA GLU B 6 -11.52 -9.84 -24.08
C GLU B 6 -12.21 -9.95 -25.44
N SER B 7 -13.12 -9.01 -25.72
CA SER B 7 -13.80 -8.96 -27.01
C SER B 7 -14.24 -7.54 -27.36
N GLY B 8 -14.67 -7.34 -28.59
CA GLY B 8 -15.31 -6.10 -29.01
C GLY B 8 -14.43 -5.07 -29.68
N GLY B 9 -13.17 -5.42 -29.95
CA GLY B 9 -12.25 -4.49 -30.58
C GLY B 9 -12.34 -4.49 -32.09
N GLY B 10 -11.20 -4.31 -32.75
CA GLY B 10 -11.15 -4.36 -34.20
C GLY B 10 -11.05 -3.00 -34.85
N LEU B 11 -11.58 -2.91 -36.07
CA LEU B 11 -11.44 -1.72 -36.89
C LEU B 11 -12.58 -0.73 -36.67
N ALA B 12 -12.26 0.56 -36.76
CA ALA B 12 -13.27 1.60 -36.73
C ALA B 12 -12.80 2.87 -37.38
N GLN B 13 -13.76 3.74 -37.70
CA GLN B 13 -13.46 5.01 -38.34
C GLN B 13 -13.37 6.11 -37.31
N PRO B 14 -12.66 7.21 -37.64
CA PRO B 14 -12.56 8.34 -36.71
C PRO B 14 -13.93 8.93 -36.46
N GLY B 15 -14.21 9.29 -35.21
CA GLY B 15 -15.52 9.79 -34.85
C GLY B 15 -16.46 8.68 -34.46
N GLY B 16 -16.11 7.44 -34.79
CA GLY B 16 -16.94 6.30 -34.47
C GLY B 16 -16.78 5.84 -33.04
N SER B 17 -17.42 4.71 -32.69
CA SER B 17 -17.34 4.19 -31.33
C SER B 17 -17.17 2.66 -31.31
N LEU B 18 -16.56 2.17 -30.23
CA LEU B 18 -16.46 0.74 -29.95
C LEU B 18 -16.75 0.51 -28.48
N ARG B 19 -17.06 -0.73 -28.14
CA ARG B 19 -17.19 -1.11 -26.74
C ARG B 19 -16.42 -2.40 -26.48
N LEU B 20 -15.37 -2.29 -25.67
CA LEU B 20 -14.60 -3.47 -25.29
C LEU B 20 -15.26 -4.15 -24.11
N SER B 21 -15.15 -5.48 -24.07
CA SER B 21 -15.66 -6.25 -22.94
C SER B 21 -14.61 -7.25 -22.49
N CYS B 22 -14.72 -7.69 -21.24
CA CYS B 22 -13.71 -8.49 -20.60
C CYS B 22 -14.43 -9.36 -19.58
N GLU B 23 -14.15 -10.67 -19.56
CA GLU B 23 -14.87 -11.59 -18.67
C GLU B 23 -13.92 -12.47 -17.86
N ALA B 24 -14.12 -12.50 -16.55
CA ALA B 24 -13.29 -13.32 -15.67
C ALA B 24 -13.92 -14.69 -15.40
N SER B 25 -13.28 -15.76 -15.88
CA SER B 25 -13.81 -17.12 -15.68
C SER B 25 -12.81 -18.11 -15.11
N GLY B 26 -13.35 -19.11 -14.40
CA GLY B 26 -12.56 -20.24 -13.93
C GLY B 26 -12.01 -20.05 -12.54
N PHE B 27 -12.17 -18.85 -12.00
CA PHE B 27 -11.57 -18.50 -10.71
C PHE B 27 -12.24 -19.19 -9.53
N GLY B 28 -11.42 -19.78 -8.66
CA GLY B 28 -11.91 -20.45 -7.47
C GLY B 28 -12.55 -19.50 -6.48
N THR B 29 -13.14 -20.06 -5.42
CA THR B 29 -13.89 -19.28 -4.45
C THR B 29 -13.02 -18.32 -3.63
N TRP B 30 -11.70 -18.54 -3.66
CA TRP B 30 -10.78 -17.66 -2.95
C TRP B 30 -10.74 -16.29 -3.60
N PHE B 31 -11.13 -16.24 -4.87
CA PHE B 31 -11.09 -15.01 -5.66
C PHE B 31 -12.41 -14.26 -5.56
N ARG B 32 -12.36 -13.06 -5.00
CA ARG B 32 -13.55 -12.23 -4.88
C ARG B 32 -13.50 -11.08 -5.88
N PHE B 33 -14.28 -11.21 -6.95
CA PHE B 33 -14.26 -10.25 -8.06
C PHE B 33 -14.53 -8.82 -7.60
N ASP B 34 -15.54 -8.67 -6.74
CA ASP B 34 -15.96 -7.36 -6.22
C ASP B 34 -14.84 -6.60 -5.51
N GLU B 35 -13.90 -7.34 -4.94
CA GLU B 35 -12.80 -6.75 -4.19
C GLU B 35 -11.68 -6.26 -5.12
N ASN B 36 -11.71 -6.70 -6.38
CA ASN B 36 -10.64 -6.38 -7.32
C ASN B 36 -10.89 -5.11 -8.14
N THR B 37 -9.82 -4.37 -8.41
CA THR B 37 -9.90 -3.20 -9.29
C THR B 37 -9.88 -3.67 -10.75
N VAL B 38 -10.71 -3.05 -11.57
CA VAL B 38 -10.67 -3.32 -13.00
C VAL B 38 -10.01 -2.14 -13.73
N ASN B 39 -9.02 -2.45 -14.56
CA ASN B 39 -8.32 -1.45 -15.33
C ASN B 39 -8.39 -1.76 -16.80
N TRP B 40 -8.29 -0.73 -17.62
CA TRP B 40 -7.97 -0.94 -19.04
C TRP B 40 -6.67 -0.21 -19.35
N TYR B 41 -5.72 -0.93 -19.94
CA TYR B 41 -4.45 -0.36 -20.39
C TYR B 41 -4.39 -0.40 -21.91
N ARG B 42 -3.52 0.41 -22.50
CA ARG B 42 -3.25 0.29 -23.93
C ARG B 42 -1.78 0.49 -24.22
N GLN B 43 -1.28 -0.22 -25.23
CA GLN B 43 0.12 -0.20 -25.62
C GLN B 43 0.28 0.63 -26.88
N PRO B 44 1.04 1.74 -26.82
CA PRO B 44 1.19 2.61 -27.97
C PRO B 44 1.86 1.86 -29.13
N PRO B 45 1.32 2.03 -30.34
CA PRO B 45 1.90 1.39 -31.53
C PRO B 45 3.39 1.72 -31.67
N GLY B 46 4.20 0.71 -31.96
CA GLY B 46 5.64 0.89 -32.13
C GLY B 46 6.46 0.87 -30.85
N LYS B 47 5.78 0.80 -29.70
CA LYS B 47 6.45 0.75 -28.40
C LYS B 47 6.20 -0.58 -27.68
N SER B 48 7.08 -0.93 -26.75
CA SER B 48 6.94 -2.14 -25.95
C SER B 48 5.90 -1.92 -24.86
N ARG B 49 5.63 -2.97 -24.09
CA ARG B 49 4.69 -2.87 -22.96
C ARG B 49 5.20 -1.92 -21.88
N GLU B 50 6.49 -1.60 -21.88
CA GLU B 50 6.99 -0.60 -20.94
C GLU B 50 6.33 0.76 -21.14
N PHE B 51 5.76 0.97 -22.32
CA PHE B 51 5.08 2.22 -22.61
C PHE B 51 3.56 2.15 -22.44
N ASP B 52 3.07 1.05 -21.86
CA ASP B 52 1.64 0.91 -21.56
C ASP B 52 1.10 2.16 -20.86
N GLU B 53 -0.08 2.61 -21.30
CA GLU B 53 -0.80 3.72 -20.67
C GLU B 53 -2.00 3.15 -19.93
N LEU B 54 -2.26 3.66 -18.72
CA LEU B 54 -3.49 3.32 -18.02
C LEU B 54 -4.61 4.17 -18.58
N VAL B 55 -5.54 3.55 -19.30
CA VAL B 55 -6.62 4.27 -19.94
C VAL B 55 -7.72 4.64 -18.95
N ALA B 56 -8.13 3.67 -18.13
CA ALA B 56 -9.22 3.88 -17.18
C ALA B 56 -9.12 2.89 -16.03
N ARG B 57 -9.48 3.35 -14.83
CA ARG B 57 -9.44 2.53 -13.63
C ARG B 57 -10.75 2.63 -12.87
N TYR B 58 -11.28 1.49 -12.45
CA TYR B 58 -12.52 1.42 -11.67
C TYR B 58 -12.29 0.54 -10.43
N PRO B 59 -11.90 1.18 -9.32
CA PRO B 59 -11.63 0.44 -8.08
C PRO B 59 -12.89 0.16 -7.29
N LYS B 60 -12.80 -0.65 -6.24
CA LYS B 60 -13.99 -1.00 -5.45
C LYS B 60 -14.65 0.21 -4.82
N SER B 61 -13.88 1.28 -4.61
CA SER B 61 -14.42 2.52 -4.04
C SER B 61 -15.39 3.20 -5.00
N GLY B 62 -15.23 2.93 -6.29
CA GLY B 62 -16.09 3.52 -7.31
C GLY B 62 -15.59 4.84 -7.84
N ILE B 63 -14.45 5.30 -7.35
CA ILE B 63 -13.89 6.56 -7.81
C ILE B 63 -12.98 6.32 -9.01
N VAL B 64 -13.52 6.65 -10.19
CA VAL B 64 -12.90 6.33 -11.47
C VAL B 64 -11.92 7.41 -11.94
N THR B 65 -10.80 6.98 -12.51
CA THR B 65 -9.85 7.92 -13.09
C THR B 65 -9.50 7.54 -14.54
N TYR B 66 -9.25 8.56 -15.35
CA TYR B 66 -9.01 8.36 -16.78
C TYR B 66 -7.70 8.98 -17.25
N LEU B 67 -7.11 8.39 -18.29
CA LEU B 67 -6.04 9.04 -19.05
C LEU B 67 -6.59 10.38 -19.56
N ASP B 68 -5.78 11.42 -19.49
CA ASP B 68 -6.24 12.76 -19.85
C ASP B 68 -6.80 12.83 -21.28
N SER B 69 -6.13 12.15 -22.20
CA SER B 69 -6.52 12.23 -23.61
C SER B 69 -7.84 11.54 -23.93
N VAL B 70 -8.37 10.77 -22.99
CA VAL B 70 -9.63 10.06 -23.24
C VAL B 70 -10.79 10.57 -22.38
N LYS B 71 -10.51 11.53 -21.52
CA LYS B 71 -11.56 12.12 -20.67
C LYS B 71 -12.68 12.71 -21.51
N GLY B 72 -13.91 12.33 -21.19
CA GLY B 72 -15.06 12.81 -21.94
C GLY B 72 -15.40 11.97 -23.16
N ARG B 73 -14.49 11.07 -23.53
CA ARG B 73 -14.70 10.23 -24.71
C ARG B 73 -14.88 8.76 -24.35
N PHE B 74 -14.12 8.29 -23.36
CA PHE B 74 -14.20 6.90 -22.93
C PHE B 74 -14.91 6.77 -21.59
N THR B 75 -15.65 5.69 -21.40
CA THR B 75 -16.31 5.42 -20.12
C THR B 75 -16.10 3.96 -19.69
N ILE B 76 -15.58 3.76 -18.49
CA ILE B 76 -15.36 2.41 -17.97
C ILE B 76 -16.52 1.97 -17.06
N SER B 77 -16.86 0.69 -17.09
CA SER B 77 -17.87 0.15 -16.17
C SER B 77 -17.60 -1.31 -15.82
N ARG B 78 -18.35 -1.85 -14.86
CA ARG B 78 -18.13 -3.21 -14.39
C ARG B 78 -19.43 -3.86 -13.91
N ASP B 79 -19.52 -5.19 -14.05
CA ASP B 79 -20.68 -5.96 -13.60
C ASP B 79 -20.17 -7.07 -12.68
N ASN B 80 -20.32 -6.89 -11.38
CA ASN B 80 -19.73 -7.82 -10.40
C ASN B 80 -20.36 -9.22 -10.39
N ALA B 81 -21.65 -9.30 -10.65
CA ALA B 81 -22.33 -10.59 -10.67
C ALA B 81 -21.98 -11.40 -11.91
N LYS B 82 -21.74 -10.71 -13.02
CA LYS B 82 -21.36 -11.36 -14.27
C LYS B 82 -19.86 -11.50 -14.39
N LYS B 83 -19.14 -10.84 -13.48
CA LYS B 83 -17.68 -10.84 -13.48
C LYS B 83 -17.13 -10.22 -14.77
N MET B 84 -17.73 -9.12 -15.20
CA MET B 84 -17.34 -8.47 -16.44
C MET B 84 -16.91 -7.02 -16.27
N ALA B 85 -16.11 -6.55 -17.21
CA ALA B 85 -15.69 -5.16 -17.27
C ALA B 85 -15.84 -4.64 -18.70
N PHE B 86 -16.07 -3.33 -18.84
CA PHE B 86 -16.38 -2.74 -20.14
C PHE B 86 -15.67 -1.42 -20.35
N LEU B 87 -15.29 -1.15 -21.60
CA LEU B 87 -14.73 0.13 -21.97
C LEU B 87 -15.45 0.70 -23.18
N GLN B 88 -16.30 1.69 -22.94
CA GLN B 88 -17.04 2.36 -24.00
C GLN B 88 -16.17 3.46 -24.59
N MET B 89 -15.81 3.33 -25.86
CA MET B 89 -14.87 4.25 -26.48
C MET B 89 -15.56 5.07 -27.57
N ASP B 90 -15.83 6.34 -27.28
CA ASP B 90 -16.49 7.22 -28.25
C ASP B 90 -15.55 8.19 -28.93
N ASN B 91 -16.06 8.82 -29.99
CA ASN B 91 -15.36 9.86 -30.74
C ASN B 91 -13.89 9.54 -30.96
N LEU B 92 -13.65 8.38 -31.56
CA LEU B 92 -12.31 7.85 -31.70
C LEU B 92 -11.43 8.68 -32.61
N LYS B 93 -10.14 8.63 -32.32
CA LYS B 93 -9.14 9.36 -33.07
C LYS B 93 -8.08 8.37 -33.49
N PRO B 94 -7.33 8.69 -34.55
CA PRO B 94 -6.23 7.83 -35.00
C PRO B 94 -5.27 7.49 -33.86
N GLU B 95 -5.02 8.45 -32.97
CA GLU B 95 -4.11 8.21 -31.85
C GLU B 95 -4.68 7.30 -30.75
N ASP B 96 -5.89 6.78 -30.97
CA ASP B 96 -6.46 5.76 -30.09
C ASP B 96 -6.09 4.34 -30.54
N THR B 97 -5.47 4.22 -31.71
CA THR B 97 -5.02 2.92 -32.17
C THR B 97 -3.99 2.35 -31.21
N ALA B 98 -4.21 1.10 -30.80
CA ALA B 98 -3.36 0.44 -29.81
C ALA B 98 -3.87 -0.97 -29.54
N VAL B 99 -3.04 -1.78 -28.91
CA VAL B 99 -3.52 -3.03 -28.30
C VAL B 99 -4.04 -2.66 -26.90
N TYR B 100 -5.29 -3.02 -26.63
CA TYR B 100 -5.92 -2.75 -25.33
C TYR B 100 -5.97 -4.00 -24.47
N TYR B 101 -5.75 -3.83 -23.17
CA TYR B 101 -5.74 -4.95 -22.22
C TYR B 101 -6.71 -4.69 -21.07
N CYS B 102 -7.49 -5.71 -20.71
CA CYS B 102 -8.23 -5.70 -19.45
C CYS B 102 -7.34 -6.25 -18.35
N ASN B 103 -7.37 -5.59 -17.20
CA ASN B 103 -6.63 -6.07 -16.04
C ASN B 103 -7.53 -6.06 -14.82
N VAL B 104 -7.73 -7.23 -14.23
CA VAL B 104 -8.51 -7.35 -12.99
C VAL B 104 -7.63 -7.91 -11.87
N GLY B 105 -7.40 -7.10 -10.85
CA GLY B 105 -6.43 -7.46 -9.83
C GLY B 105 -5.05 -7.66 -10.44
N GLU B 106 -4.49 -8.86 -10.28
CA GLU B 106 -3.18 -9.16 -10.86
C GLU B 106 -3.32 -9.95 -12.15
N PHE B 107 -4.55 -10.12 -12.63
CA PHE B 107 -4.81 -10.93 -13.81
C PHE B 107 -5.05 -10.10 -15.07
N TRP B 108 -4.63 -10.64 -16.21
CA TRP B 108 -4.65 -9.88 -17.46
C TRP B 108 -5.28 -10.62 -18.62
N GLY B 109 -5.95 -9.86 -19.48
CA GLY B 109 -6.39 -10.39 -20.76
C GLY B 109 -5.19 -10.44 -21.70
N GLN B 110 -5.34 -11.11 -22.83
CA GLN B 110 -4.24 -11.29 -23.78
C GLN B 110 -3.94 -10.02 -24.58
N GLY B 111 -4.94 -9.15 -24.68
CA GLY B 111 -4.83 -7.94 -25.47
C GLY B 111 -5.71 -7.97 -26.71
N THR B 112 -6.35 -6.84 -27.00
CA THR B 112 -7.21 -6.74 -28.18
C THR B 112 -6.84 -5.52 -29.03
N GLN B 113 -6.58 -5.74 -30.31
CA GLN B 113 -6.20 -4.64 -31.19
C GLN B 113 -7.40 -3.77 -31.54
N VAL B 114 -7.20 -2.45 -31.43
CA VAL B 114 -8.16 -1.48 -31.89
C VAL B 114 -7.46 -0.58 -32.91
N THR B 115 -8.02 -0.47 -34.11
CA THR B 115 -7.39 0.30 -35.16
C THR B 115 -8.33 1.37 -35.71
N ILE B 116 -7.87 2.62 -35.64
CA ILE B 116 -8.65 3.75 -36.13
C ILE B 116 -8.06 4.30 -37.42
N SER B 117 -8.84 4.18 -38.50
CA SER B 117 -8.36 4.46 -39.85
C SER B 117 -8.73 5.88 -40.27
N SER B 118 -7.72 6.72 -40.49
CA SER B 118 -7.92 8.13 -40.86
C SER B 118 -8.60 8.34 -42.23
N GLU B 119 -8.67 9.58 -42.66
CA GLU B 119 -9.25 9.89 -43.97
C GLU B 119 -8.30 10.68 -44.86
#